data_6Z0K
#
_entry.id   6Z0K
#
_cell.length_a   52.070
_cell.length_b   78.188
_cell.length_c   162.493
_cell.angle_alpha   90.000
_cell.angle_beta   90.000
_cell.angle_gamma   90.000
#
_symmetry.space_group_name_H-M   'P 21 21 21'
#
loop_
_entity.id
_entity.type
_entity.pdbx_description
1 polymer 'Putative multicopper oxidase mco'
2 non-polymer 'COPPER (II) ION'
3 non-polymer 1,2-ETHANEDIOL
4 water water
#
_entity_poly.entity_id   1
_entity_poly.type   'polypeptide(L)'
_entity_poly.pdbx_seq_one_letter_code
;AMITKYLYDENAYDYHDGGYRPLKKAPGEEHPLNVPAFLKPDRIEGNEIYYTVTAQAGETKILPGKPTHTWGYNGSILGP
AIQFETGKTYHVTLKNELDEVTTFHWHGLNIVGPYEDGGPHAPVYPHGERKITFTVDQPAANIWLHPHPCPETARQVWNG
LAAPVIITDGHEQSLKLPRRWGVNDFPVVLQDRSYHDNQLDYKADYDVDGTLGDYALVNGTVNPVVNVTKPIIRLRFLNG
SNRREWRLHFADYHPFTQIGSDGGLLPEAVEMDRIMLTCAERADVLVNFSDYQPGQEVILQTDDFNLIKFKIGDIKKENM
LLPSPLAEIPALSVDENTPVFKTVMSGMDDQVRLDGKLFDMQRIDTRQQVDQTQIWEVSNTNDMEGGMIHPFHIHGCQFQ
LIDRNGHAVNPNEHGWKDTIGVNPNETVRIRVKFTKLGIFMYHCHILEHEDTGMMAQIEIFDPDHPIEYHLMPMNHKM
;
_entity_poly.pdbx_strand_id   A
#
# COMPACT_ATOMS: atom_id res chain seq x y z
N ALA A 1 14.20 -21.61 -8.77
CA ALA A 1 15.30 -20.65 -8.46
C ALA A 1 14.83 -19.61 -7.44
N MET A 2 15.43 -19.61 -6.26
CA MET A 2 15.13 -18.63 -5.18
C MET A 2 15.67 -17.25 -5.60
N ILE A 3 14.87 -16.22 -5.41
CA ILE A 3 15.28 -14.81 -5.73
C ILE A 3 16.19 -14.35 -4.59
N THR A 4 17.40 -13.90 -4.91
CA THR A 4 18.43 -13.51 -3.92
C THR A 4 18.91 -12.08 -4.20
N LYS A 5 18.09 -11.27 -4.84
CA LYS A 5 18.41 -9.84 -5.11
C LYS A 5 17.14 -9.01 -4.98
N TYR A 6 17.31 -7.75 -4.63
CA TYR A 6 16.24 -6.74 -4.67
C TYR A 6 15.93 -6.43 -6.12
N LEU A 7 14.65 -6.27 -6.46
CA LEU A 7 14.19 -6.26 -7.86
C LEU A 7 13.97 -4.83 -8.37
N TYR A 8 14.75 -3.88 -7.85
CA TYR A 8 14.82 -2.50 -8.38
C TYR A 8 16.29 -2.13 -8.52
N ASP A 9 16.57 -1.03 -9.24
CA ASP A 9 17.95 -0.65 -9.63
C ASP A 9 18.67 0.00 -8.46
N GLU A 10 19.78 -0.61 -8.03
CA GLU A 10 20.54 -0.22 -6.81
C GLU A 10 21.05 1.21 -6.92
N ASN A 11 21.43 1.65 -8.12
CA ASN A 11 21.92 3.04 -8.40
C ASN A 11 20.89 4.08 -7.94
N ALA A 12 19.60 3.74 -7.96
CA ALA A 12 18.49 4.68 -7.70
C ALA A 12 17.91 4.57 -6.29
N TYR A 13 18.42 3.70 -5.41
CA TYR A 13 17.83 3.49 -4.06
C TYR A 13 17.90 4.80 -3.25
N ASP A 14 17.01 4.90 -2.26
CA ASP A 14 16.78 6.13 -1.46
C ASP A 14 18.07 6.57 -0.73
N TYR A 15 18.89 5.62 -0.29
CA TYR A 15 20.10 5.92 0.55
C TYR A 15 21.20 6.63 -0.25
N HIS A 16 21.08 6.72 -1.58
CA HIS A 16 22.05 7.49 -2.42
C HIS A 16 21.80 9.00 -2.33
N ASP A 17 20.61 9.43 -1.92
CA ASP A 17 20.26 10.87 -1.91
C ASP A 17 21.06 11.59 -0.82
N GLY A 18 21.47 12.83 -1.13
CA GLY A 18 22.26 13.69 -0.23
C GLY A 18 21.52 14.00 1.05
N GLY A 19 20.18 14.12 0.99
CA GLY A 19 19.33 14.41 2.16
C GLY A 19 18.80 13.16 2.85
N TYR A 20 19.38 11.99 2.58
CA TYR A 20 18.90 10.70 3.15
C TYR A 20 19.16 10.67 4.66
N ARG A 21 18.16 10.18 5.39
CA ARG A 21 18.22 9.96 6.87
C ARG A 21 18.18 8.47 7.12
N PRO A 22 19.24 7.85 7.69
CA PRO A 22 19.16 6.44 8.03
C PRO A 22 18.26 6.23 9.25
N LEU A 23 17.67 5.04 9.36
CA LEU A 23 16.95 4.64 10.57
C LEU A 23 17.91 4.60 11.75
N LYS A 24 17.43 4.98 12.93
CA LYS A 24 18.19 4.77 14.19
C LYS A 24 17.28 4.21 15.25
N LYS A 25 17.91 3.65 16.29
CA LYS A 25 17.23 2.85 17.33
C LYS A 25 16.28 3.78 18.09
N ALA A 26 15.00 3.40 18.15
CA ALA A 26 13.98 4.14 18.93
C ALA A 26 14.17 3.83 20.40
N PRO A 27 14.04 4.82 21.31
CA PRO A 27 14.16 4.54 22.73
C PRO A 27 12.97 3.74 23.26
N GLY A 28 13.21 2.98 24.32
CA GLY A 28 12.18 2.20 25.01
C GLY A 28 12.46 0.72 24.93
N GLU A 29 11.88 -0.04 25.85
CA GLU A 29 11.94 -1.53 25.84
C GLU A 29 11.11 -2.02 24.67
N GLU A 30 11.44 -3.21 24.17
CA GLU A 30 10.70 -3.83 23.04
C GLU A 30 9.28 -4.14 23.50
N HIS A 31 8.31 -3.98 22.58
CA HIS A 31 6.87 -4.18 22.84
C HIS A 31 6.34 -5.26 21.91
N PRO A 32 5.24 -5.96 22.28
CA PRO A 32 4.56 -6.83 21.33
C PRO A 32 4.04 -6.00 20.15
N LEU A 33 4.14 -6.54 18.94
CA LEU A 33 3.62 -5.89 17.71
C LEU A 33 2.12 -5.65 17.89
N ASN A 34 1.70 -4.40 17.66
CA ASN A 34 0.28 -4.01 17.73
C ASN A 34 -0.42 -4.70 16.56
N VAL A 35 -1.48 -5.43 16.85
CA VAL A 35 -2.34 -6.06 15.81
C VAL A 35 -3.74 -5.51 15.99
N PRO A 36 -4.20 -4.60 15.12
CA PRO A 36 -5.52 -4.01 15.28
C PRO A 36 -6.62 -5.07 15.13
N ALA A 37 -7.61 -5.04 16.01
CA ALA A 37 -8.79 -5.93 15.94
C ALA A 37 -9.61 -5.55 14.70
N PHE A 38 -10.36 -6.51 14.17
CA PHE A 38 -11.22 -6.27 12.98
C PHE A 38 -12.36 -5.34 13.38
N LEU A 39 -12.71 -4.43 12.48
CA LEU A 39 -13.88 -3.53 12.64
C LEU A 39 -15.14 -4.40 12.70
N LYS A 40 -15.95 -4.23 13.74
CA LYS A 40 -17.23 -4.95 13.87
C LYS A 40 -18.28 -4.24 13.02
N PRO A 41 -19.06 -4.97 12.20
CA PRO A 41 -20.19 -4.37 11.50
C PRO A 41 -21.23 -3.74 12.44
N ASP A 42 -21.81 -2.63 12.02
CA ASP A 42 -22.97 -2.01 12.72
C ASP A 42 -24.19 -2.91 12.52
N ARG A 43 -24.28 -3.53 11.35
CA ARG A 43 -25.51 -4.20 10.86
C ARG A 43 -25.12 -5.18 9.76
N ILE A 44 -25.70 -6.38 9.80
CA ILE A 44 -25.47 -7.47 8.80
C ILE A 44 -26.83 -7.96 8.32
N GLU A 45 -27.11 -7.80 7.03
CA GLU A 45 -28.42 -8.16 6.45
C GLU A 45 -28.17 -8.86 5.11
N GLY A 46 -28.08 -10.19 5.13
CA GLY A 46 -27.76 -11.00 3.95
C GLY A 46 -26.40 -10.62 3.36
N ASN A 47 -26.39 -10.14 2.11
CA ASN A 47 -25.16 -9.68 1.42
C ASN A 47 -24.87 -8.21 1.72
N GLU A 48 -25.67 -7.55 2.58
CA GLU A 48 -25.48 -6.12 2.93
C GLU A 48 -24.77 -6.04 4.29
N ILE A 49 -23.60 -5.41 4.35
CA ILE A 49 -22.85 -5.17 5.62
C ILE A 49 -22.64 -3.67 5.81
N TYR A 50 -22.87 -3.21 7.03
CA TYR A 50 -22.80 -1.77 7.40
C TYR A 50 -21.61 -1.54 8.31
N TYR A 51 -20.81 -0.52 7.98
CA TYR A 51 -19.61 -0.11 8.75
C TYR A 51 -19.68 1.38 9.04
N THR A 52 -19.08 1.78 10.16
CA THR A 52 -18.79 3.21 10.45
C THR A 52 -17.29 3.36 10.68
N VAL A 53 -16.68 4.31 9.99
CA VAL A 53 -15.22 4.63 10.12
C VAL A 53 -15.12 6.11 10.46
N THR A 54 -14.45 6.44 11.57
CA THR A 54 -14.29 7.83 12.03
C THR A 54 -12.81 8.19 12.10
N ALA A 55 -12.42 9.21 11.35
CA ALA A 55 -11.10 9.88 11.50
C ALA A 55 -11.17 10.75 12.75
N GLN A 56 -10.21 10.60 13.66
CA GLN A 56 -10.26 11.27 14.97
C GLN A 56 -8.85 11.48 15.52
N ALA A 57 -8.73 12.46 16.43
CA ALA A 57 -7.48 12.75 17.16
C ALA A 57 -7.49 12.00 18.48
N GLY A 58 -6.31 11.59 18.92
CA GLY A 58 -6.13 10.92 20.22
C GLY A 58 -4.68 10.98 20.65
N GLU A 59 -4.37 10.21 21.69
CA GLU A 59 -3.00 10.12 22.25
C GLU A 59 -2.55 8.66 22.19
N THR A 60 -1.33 8.44 21.71
CA THR A 60 -0.74 7.09 21.61
C THR A 60 0.56 7.06 22.40
N LYS A 61 0.72 6.06 23.25
CA LYS A 61 2.01 5.78 23.93
C LYS A 61 2.95 5.11 22.93
N ILE A 62 3.92 5.86 22.40
CA ILE A 62 4.89 5.32 21.42
C ILE A 62 6.27 5.26 22.07
N LEU A 63 6.75 6.40 22.57
CA LEU A 63 8.09 6.52 23.21
C LEU A 63 7.92 6.66 24.72
N PRO A 64 8.97 6.35 25.52
CA PRO A 64 8.90 6.56 26.97
C PRO A 64 8.62 8.02 27.34
N GLY A 65 7.79 8.22 28.36
CA GLY A 65 7.38 9.56 28.83
C GLY A 65 6.04 9.94 28.24
N LYS A 66 5.94 11.16 27.72
CA LYS A 66 4.66 11.76 27.27
C LYS A 66 4.09 10.98 26.09
N PRO A 67 2.76 10.75 26.05
CA PRO A 67 2.13 10.18 24.86
C PRO A 67 2.23 11.13 23.66
N THR A 68 2.18 10.54 22.46
CA THR A 68 2.23 11.28 21.17
C THR A 68 0.80 11.63 20.75
N HIS A 69 0.54 12.90 20.44
CA HIS A 69 -0.72 13.33 19.81
C HIS A 69 -0.74 12.81 18.38
N THR A 70 -1.74 11.99 18.06
CA THR A 70 -1.83 11.24 16.79
C THR A 70 -3.25 11.32 16.23
N TRP A 71 -3.38 10.95 14.97
CA TRP A 71 -4.69 10.75 14.30
C TRP A 71 -4.84 9.28 13.94
N GLY A 72 -6.04 8.74 14.08
CA GLY A 72 -6.35 7.37 13.67
C GLY A 72 -7.79 7.23 13.23
N TYR A 73 -8.12 6.06 12.70
CA TYR A 73 -9.51 5.65 12.40
C TYR A 73 -10.01 4.82 13.57
N ASN A 74 -11.12 5.24 14.18
CA ASN A 74 -11.77 4.52 15.31
C ASN A 74 -10.79 4.29 16.47
N GLY A 75 -9.88 5.23 16.68
CA GLY A 75 -8.79 5.09 17.67
C GLY A 75 -7.73 6.15 17.44
N SER A 76 -6.71 6.16 18.29
CA SER A 76 -5.70 7.25 18.38
C SER A 76 -4.74 7.23 17.18
N ILE A 77 -4.46 6.07 16.61
CA ILE A 77 -3.46 5.94 15.51
C ILE A 77 -3.83 4.79 14.58
N LEU A 78 -3.41 4.92 13.33
CA LEU A 78 -3.69 3.95 12.24
C LEU A 78 -5.18 3.63 12.21
N GLY A 79 -5.59 2.38 12.42
CA GLY A 79 -7.01 2.02 12.30
C GLY A 79 -7.25 0.55 12.58
N PRO A 80 -8.52 0.12 12.59
CA PRO A 80 -8.83 -1.30 12.76
C PRO A 80 -8.54 -1.98 11.44
N ALA A 81 -8.41 -3.31 11.45
CA ALA A 81 -8.44 -4.11 10.22
C ALA A 81 -9.88 -4.12 9.71
N ILE A 82 -10.07 -3.86 8.42
CA ILE A 82 -11.41 -3.83 7.80
C ILE A 82 -11.50 -4.99 6.79
N GLN A 83 -12.47 -5.87 7.00
CA GLN A 83 -12.69 -7.07 6.16
C GLN A 83 -13.77 -6.74 5.13
N PHE A 84 -13.43 -6.94 3.84
CA PHE A 84 -14.42 -7.00 2.75
C PHE A 84 -14.43 -8.43 2.18
N GLU A 85 -15.60 -8.90 1.80
CA GLU A 85 -15.77 -10.21 1.10
C GLU A 85 -16.22 -9.93 -0.33
N THR A 86 -15.59 -10.58 -1.29
CA THR A 86 -15.93 -10.41 -2.72
C THR A 86 -17.39 -10.82 -2.92
N GLY A 87 -18.17 -10.00 -3.64
CA GLY A 87 -19.59 -10.27 -3.93
C GLY A 87 -20.53 -9.57 -2.97
N LYS A 88 -20.06 -9.19 -1.79
CA LYS A 88 -20.91 -8.52 -0.76
C LYS A 88 -20.96 -7.01 -1.02
N THR A 89 -22.03 -6.39 -0.51
CA THR A 89 -22.31 -4.96 -0.67
C THR A 89 -22.09 -4.26 0.66
N TYR A 90 -21.28 -3.20 0.65
CA TYR A 90 -20.88 -2.49 1.89
C TYR A 90 -21.48 -1.09 1.92
N HIS A 91 -22.12 -0.78 3.04
CA HIS A 91 -22.67 0.56 3.36
C HIS A 91 -21.76 1.18 4.42
N VAL A 92 -20.95 2.14 4.03
CA VAL A 92 -19.93 2.71 4.96
C VAL A 92 -20.29 4.17 5.22
N THR A 93 -20.45 4.49 6.51
CA THR A 93 -20.60 5.87 7.00
C THR A 93 -19.21 6.38 7.37
N LEU A 94 -18.77 7.42 6.68
CA LEU A 94 -17.42 8.00 6.83
C LEU A 94 -17.56 9.27 7.65
N LYS A 95 -16.99 9.28 8.86
CA LYS A 95 -17.15 10.42 9.79
C LYS A 95 -15.82 11.10 10.01
N ASN A 96 -15.82 12.43 9.96
CA ASN A 96 -14.62 13.24 10.22
C ASN A 96 -14.75 13.93 11.57
N GLU A 97 -14.00 13.46 12.58
CA GLU A 97 -13.95 14.09 13.92
C GLU A 97 -12.72 14.99 14.05
N LEU A 98 -12.01 15.27 12.96
CA LEU A 98 -10.84 16.20 12.97
C LEU A 98 -11.31 17.63 12.75
N ASP A 99 -10.39 18.57 12.91
CA ASP A 99 -10.65 20.03 12.73
C ASP A 99 -10.40 20.46 11.27
N GLU A 100 -9.93 19.56 10.41
CA GLU A 100 -9.74 19.90 8.98
C GLU A 100 -10.39 18.86 8.07
N VAL A 101 -10.63 19.27 6.84
CA VAL A 101 -11.24 18.42 5.79
C VAL A 101 -10.35 17.20 5.61
N THR A 102 -10.98 16.04 5.45
CA THR A 102 -10.28 14.81 5.08
C THR A 102 -11.08 14.09 4.00
N THR A 103 -10.52 12.98 3.58
CA THR A 103 -10.98 12.17 2.44
C THR A 103 -10.71 10.71 2.81
N PHE A 104 -11.50 9.77 2.31
CA PHE A 104 -11.34 8.33 2.66
C PHE A 104 -11.09 7.51 1.39
N HIS A 105 -9.82 7.30 1.05
CA HIS A 105 -9.43 6.57 -0.18
C HIS A 105 -9.15 5.10 0.12
N TRP A 106 -9.87 4.20 -0.56
CA TRP A 106 -9.65 2.74 -0.46
C TRP A 106 -8.63 2.35 -1.52
N HIS A 107 -7.35 2.47 -1.19
CA HIS A 107 -6.22 2.21 -2.12
C HIS A 107 -6.26 0.74 -2.53
N GLY A 108 -6.58 0.47 -3.80
CA GLY A 108 -6.58 -0.88 -4.38
C GLY A 108 -7.96 -1.42 -4.62
N LEU A 109 -9.00 -0.70 -4.16
CA LEU A 109 -10.41 -1.14 -4.30
C LEU A 109 -10.94 -0.71 -5.66
N ASN A 110 -11.56 -1.65 -6.38
CA ASN A 110 -12.27 -1.35 -7.64
C ASN A 110 -13.65 -0.80 -7.27
N ILE A 111 -13.81 0.51 -7.40
CA ILE A 111 -15.01 1.26 -6.95
C ILE A 111 -15.19 2.46 -7.89
N VAL A 112 -16.41 2.96 -8.01
CA VAL A 112 -16.71 4.15 -8.85
C VAL A 112 -16.04 5.37 -8.24
N GLY A 113 -15.69 6.34 -9.09
CA GLY A 113 -15.11 7.62 -8.68
C GLY A 113 -15.88 8.78 -9.30
N PRO A 114 -15.57 10.03 -8.90
CA PRO A 114 -14.54 10.33 -7.91
C PRO A 114 -14.99 10.41 -6.46
N TYR A 115 -16.25 10.08 -6.16
CA TYR A 115 -16.86 10.33 -4.82
C TYR A 115 -16.65 9.13 -3.92
N GLU A 116 -17.20 7.97 -4.32
CA GLU A 116 -17.02 6.70 -3.57
C GLU A 116 -15.54 6.36 -3.46
N ASP A 117 -14.76 6.65 -4.53
CA ASP A 117 -13.30 6.40 -4.59
C ASP A 117 -12.59 7.11 -3.42
N GLY A 118 -13.12 8.26 -3.01
CA GLY A 118 -12.59 9.01 -1.86
C GLY A 118 -11.27 9.68 -2.19
N GLY A 119 -11.16 10.24 -3.40
CA GLY A 119 -10.03 11.10 -3.79
C GLY A 119 -10.31 12.54 -3.39
N PRO A 120 -9.55 13.52 -3.95
CA PRO A 120 -9.71 14.92 -3.60
C PRO A 120 -11.08 15.56 -3.90
N HIS A 121 -11.92 14.92 -4.73
CA HIS A 121 -13.30 15.40 -5.02
C HIS A 121 -14.30 14.90 -3.99
N ALA A 122 -13.87 14.16 -2.98
CA ALA A 122 -14.79 13.55 -1.97
C ALA A 122 -14.48 14.06 -0.57
N PRO A 123 -14.50 15.39 -0.32
CA PRO A 123 -14.18 15.88 1.01
C PRO A 123 -15.23 15.42 2.02
N VAL A 124 -14.78 15.15 3.24
CA VAL A 124 -15.66 14.98 4.42
C VAL A 124 -15.25 16.07 5.39
N TYR A 125 -16.17 17.01 5.65
CA TYR A 125 -15.86 18.24 6.42
C TYR A 125 -15.79 17.93 7.90
N PRO A 126 -15.04 18.75 8.68
CA PRO A 126 -14.97 18.57 10.13
C PRO A 126 -16.35 18.42 10.75
N HIS A 127 -16.50 17.37 11.57
CA HIS A 127 -17.72 17.04 12.34
C HIS A 127 -18.91 16.84 11.39
N GLY A 128 -18.61 16.40 10.17
CA GLY A 128 -19.60 16.03 9.16
C GLY A 128 -19.38 14.59 8.73
N GLU A 129 -20.20 14.10 7.81
CA GLU A 129 -20.11 12.68 7.40
C GLU A 129 -20.49 12.53 5.94
N ARG A 130 -20.08 11.38 5.39
CA ARG A 130 -20.42 10.97 4.01
C ARG A 130 -20.71 9.48 4.02
N LYS A 131 -21.78 9.10 3.32
CA LYS A 131 -22.19 7.68 3.18
C LYS A 131 -21.82 7.20 1.79
N ILE A 132 -21.22 6.01 1.71
CA ILE A 132 -20.95 5.34 0.42
C ILE A 132 -21.55 3.95 0.44
N THR A 133 -21.89 3.46 -0.74
CA THR A 133 -22.35 2.08 -0.97
C THR A 133 -21.58 1.52 -2.17
N PHE A 134 -21.08 0.30 -2.03
CA PHE A 134 -20.34 -0.38 -3.12
C PHE A 134 -20.40 -1.89 -2.92
N THR A 135 -20.42 -2.60 -4.04
CA THR A 135 -20.30 -4.07 -4.09
C THR A 135 -18.86 -4.40 -4.47
N VAL A 136 -18.24 -5.30 -3.72
CA VAL A 136 -16.84 -5.72 -3.99
C VAL A 136 -16.87 -6.74 -5.12
N ASP A 137 -16.11 -6.49 -6.18
CA ASP A 137 -15.98 -7.42 -7.32
C ASP A 137 -14.52 -7.45 -7.77
N GLN A 138 -13.68 -8.09 -6.96
CA GLN A 138 -12.24 -8.29 -7.26
C GLN A 138 -11.77 -9.43 -6.38
N PRO A 139 -10.66 -10.11 -6.72
CA PRO A 139 -10.21 -11.24 -5.91
C PRO A 139 -9.65 -10.81 -4.55
N ALA A 140 -9.46 -11.79 -3.67
CA ALA A 140 -8.89 -11.60 -2.32
C ALA A 140 -7.58 -10.83 -2.47
N ALA A 141 -7.33 -9.88 -1.57
CA ALA A 141 -6.18 -8.97 -1.68
C ALA A 141 -5.97 -8.23 -0.37
N ASN A 142 -4.73 -7.77 -0.19
CA ASN A 142 -4.34 -6.83 0.87
C ASN A 142 -4.34 -5.43 0.28
N ILE A 143 -5.32 -4.63 0.67
CA ILE A 143 -5.43 -3.21 0.24
C ILE A 143 -5.33 -2.35 1.50
N TRP A 144 -5.57 -1.04 1.40
CA TRP A 144 -5.55 -0.19 2.62
C TRP A 144 -6.41 1.05 2.44
N LEU A 145 -6.71 1.70 3.56
CA LEU A 145 -7.47 2.97 3.62
C LEU A 145 -6.53 4.07 4.10
N HIS A 146 -6.56 5.22 3.44
CA HIS A 146 -5.83 6.43 3.88
C HIS A 146 -6.46 7.67 3.25
N PRO A 147 -6.14 8.87 3.78
CA PRO A 147 -6.73 10.12 3.30
C PRO A 147 -6.15 10.55 1.94
N HIS A 148 -6.91 11.32 1.17
CA HIS A 148 -6.47 11.82 -0.15
C HIS A 148 -6.86 13.28 -0.39
N PRO A 149 -6.88 14.18 0.62
CA PRO A 149 -7.20 15.58 0.37
C PRO A 149 -6.01 16.31 -0.26
N CYS A 150 -6.20 16.86 -1.46
CA CYS A 150 -5.15 17.66 -2.16
C CYS A 150 -4.99 18.99 -1.43
N PRO A 151 -3.77 19.49 -1.13
CA PRO A 151 -2.53 18.73 -1.14
C PRO A 151 -2.03 18.47 0.30
N GLU A 152 -2.91 17.95 1.15
CA GLU A 152 -2.62 17.72 2.59
C GLU A 152 -2.40 16.23 2.86
N THR A 153 -2.33 15.40 1.83
CA THR A 153 -2.32 13.91 1.95
C THR A 153 -1.10 13.46 2.76
N ALA A 154 0.09 13.95 2.41
CA ALA A 154 1.36 13.53 3.05
C ALA A 154 1.30 13.80 4.56
N ARG A 155 0.81 14.98 4.95
CA ARG A 155 0.75 15.38 6.38
C ARG A 155 -0.29 14.55 7.12
N GLN A 156 -1.44 14.27 6.50
CA GLN A 156 -2.54 13.52 7.18
C GLN A 156 -2.10 12.07 7.41
N VAL A 157 -1.38 11.47 6.46
CA VAL A 157 -0.81 10.10 6.63
C VAL A 157 0.26 10.15 7.72
N TRP A 158 1.15 11.15 7.68
CA TRP A 158 2.21 11.36 8.70
C TRP A 158 1.60 11.36 10.10
N ASN A 159 0.48 12.07 10.27
CA ASN A 159 -0.17 12.26 11.60
C ASN A 159 -0.77 10.94 12.11
N GLY A 160 -1.00 9.96 11.24
CA GLY A 160 -1.27 8.57 11.66
C GLY A 160 -2.44 7.90 10.97
N LEU A 161 -3.13 8.56 10.03
CA LEU A 161 -4.31 7.95 9.35
C LEU A 161 -3.86 6.94 8.29
N ALA A 162 -4.07 5.66 8.59
CA ALA A 162 -3.98 4.54 7.63
C ALA A 162 -4.61 3.33 8.28
N ALA A 163 -5.31 2.50 7.52
CA ALA A 163 -5.88 1.25 8.07
C ALA A 163 -5.62 0.10 7.11
N PRO A 164 -5.21 -1.07 7.63
CA PRO A 164 -5.10 -2.27 6.81
C PRO A 164 -6.51 -2.75 6.45
N VAL A 165 -6.72 -3.04 5.17
CA VAL A 165 -8.02 -3.52 4.63
C VAL A 165 -7.76 -4.84 3.91
N ILE A 166 -8.60 -5.83 4.18
CA ILE A 166 -8.39 -7.20 3.65
C ILE A 166 -9.64 -7.63 2.90
N ILE A 167 -9.48 -7.90 1.61
CA ILE A 167 -10.52 -8.56 0.79
C ILE A 167 -10.27 -10.06 0.87
N THR A 168 -11.32 -10.83 1.12
CA THR A 168 -11.28 -12.31 1.16
C THR A 168 -12.27 -12.87 0.14
N ASP A 169 -12.02 -14.09 -0.31
CA ASP A 169 -12.90 -14.81 -1.26
C ASP A 169 -12.80 -16.32 -1.01
N GLY A 170 -13.65 -17.07 -1.70
CA GLY A 170 -13.76 -18.53 -1.55
C GLY A 170 -12.45 -19.23 -1.90
N HIS A 171 -11.80 -18.81 -2.97
CA HIS A 171 -10.54 -19.45 -3.44
C HIS A 171 -9.46 -19.32 -2.36
N GLU A 172 -9.24 -18.11 -1.86
CA GLU A 172 -8.20 -17.84 -0.84
C GLU A 172 -8.52 -18.64 0.42
N GLN A 173 -9.80 -18.71 0.82
CA GLN A 173 -10.26 -19.51 1.98
C GLN A 173 -9.95 -20.99 1.78
N SER A 174 -10.12 -21.51 0.56
CA SER A 174 -9.90 -22.95 0.23
C SER A 174 -8.43 -23.36 0.46
N LEU A 175 -7.49 -22.42 0.46
CA LEU A 175 -6.04 -22.72 0.60
C LEU A 175 -5.67 -23.06 2.05
N LYS A 176 -6.51 -22.75 3.03
CA LYS A 176 -6.27 -23.06 4.47
C LYS A 176 -4.95 -22.43 4.91
N LEU A 177 -4.73 -21.15 4.59
CA LEU A 177 -3.48 -20.43 4.96
C LEU A 177 -3.50 -20.12 6.45
N PRO A 178 -2.34 -19.79 7.05
CA PRO A 178 -2.32 -19.29 8.42
C PRO A 178 -3.28 -18.10 8.54
N ARG A 179 -4.24 -18.18 9.45
CA ARG A 179 -5.36 -17.20 9.48
C ARG A 179 -5.90 -16.94 10.89
N ARG A 180 -5.12 -17.22 11.94
CA ARG A 180 -5.43 -16.76 13.31
C ARG A 180 -4.82 -15.37 13.49
N TRP A 181 -5.66 -14.35 13.35
CA TRP A 181 -5.22 -12.93 13.35
C TRP A 181 -4.45 -12.63 14.64
N GLY A 182 -3.21 -12.16 14.51
CA GLY A 182 -2.34 -11.79 15.64
C GLY A 182 -1.67 -12.98 16.30
N VAL A 183 -1.88 -14.21 15.80
CA VAL A 183 -1.19 -15.43 16.31
C VAL A 183 -0.24 -15.92 15.22
N ASN A 184 -0.78 -16.26 14.03
CA ASN A 184 0.04 -16.72 12.87
C ASN A 184 -0.32 -15.94 11.60
N ASP A 185 -1.06 -14.84 11.73
CA ASP A 185 -1.44 -13.98 10.58
C ASP A 185 -1.38 -12.53 11.05
N PHE A 186 -0.52 -11.73 10.42
CA PHE A 186 -0.19 -10.36 10.90
C PHE A 186 -0.25 -9.36 9.76
N PRO A 187 -0.88 -8.19 9.98
CA PRO A 187 -0.65 -7.05 9.09
C PRO A 187 0.70 -6.45 9.51
N VAL A 188 1.48 -6.01 8.54
CA VAL A 188 2.78 -5.35 8.83
C VAL A 188 2.80 -4.03 8.06
N VAL A 189 2.26 -3.00 8.68
CA VAL A 189 2.23 -1.63 8.10
C VAL A 189 3.55 -0.96 8.47
N LEU A 190 4.44 -0.85 7.49
CA LEU A 190 5.78 -0.25 7.68
C LEU A 190 5.75 1.26 7.48
N GLN A 191 6.14 2.01 8.49
CA GLN A 191 6.17 3.49 8.43
C GLN A 191 7.41 3.99 9.16
N ASP A 192 7.75 5.25 8.95
CA ASP A 192 8.94 5.85 9.61
C ASP A 192 8.58 7.26 10.07
N ARG A 193 8.89 7.59 11.32
CA ARG A 193 8.56 8.92 11.87
C ARG A 193 9.69 9.49 12.73
N SER A 194 9.69 10.80 12.83
CA SER A 194 10.61 11.57 13.69
C SER A 194 9.74 12.24 14.77
N TYR A 195 10.24 12.34 16.00
CA TYR A 195 9.47 12.94 17.11
C TYR A 195 10.31 14.05 17.76
N HIS A 196 9.60 15.05 18.29
CA HIS A 196 10.17 16.25 18.95
C HIS A 196 9.44 16.40 20.28
N ASP A 197 10.12 16.08 21.38
CA ASP A 197 9.49 15.98 22.71
C ASP A 197 8.34 14.96 22.62
N ASN A 198 8.57 13.86 21.92
CA ASN A 198 7.61 12.74 21.68
C ASN A 198 6.41 13.17 20.81
N GLN A 199 6.46 14.31 20.14
CA GLN A 199 5.34 14.80 19.30
C GLN A 199 5.73 14.76 17.82
N LEU A 200 4.73 14.51 16.95
CA LEU A 200 4.89 14.65 15.48
C LEU A 200 5.00 16.14 15.16
N ASP A 201 5.84 16.49 14.19
CA ASP A 201 5.90 17.86 13.62
C ASP A 201 6.27 17.74 12.14
N TYR A 202 5.25 17.47 11.31
CA TYR A 202 5.43 17.26 9.84
C TYR A 202 6.13 18.45 9.20
N LYS A 203 5.70 19.67 9.54
CA LYS A 203 6.27 20.91 8.93
C LYS A 203 7.78 20.98 9.20
N ALA A 204 8.20 20.65 10.42
CA ALA A 204 9.63 20.70 10.84
C ALA A 204 10.46 19.68 10.03
N ASP A 205 9.92 18.48 9.81
CA ASP A 205 10.65 17.35 9.17
C ASP A 205 10.44 17.33 7.66
N TYR A 206 9.51 18.14 7.15
CA TYR A 206 9.09 18.15 5.72
C TYR A 206 10.30 18.22 4.79
N ASP A 207 10.28 17.40 3.74
CA ASP A 207 11.22 17.47 2.61
C ASP A 207 10.41 17.34 1.31
N VAL A 208 10.56 18.31 0.41
CA VAL A 208 9.82 18.36 -0.89
C VAL A 208 10.00 17.03 -1.65
N ASP A 209 11.16 16.39 -1.52
CA ASP A 209 11.51 15.17 -2.29
C ASP A 209 11.00 13.91 -1.58
N GLY A 210 10.31 14.05 -0.46
CA GLY A 210 9.81 12.90 0.32
C GLY A 210 10.36 12.96 1.73
N THR A 211 9.47 12.88 2.71
CA THR A 211 9.81 13.11 4.14
C THR A 211 10.18 11.75 4.75
N LEU A 212 11.41 11.65 5.25
CA LEU A 212 11.90 10.44 5.96
C LEU A 212 11.81 10.67 7.47
N GLY A 213 11.50 9.61 8.19
CA GLY A 213 11.42 9.60 9.67
C GLY A 213 12.56 8.81 10.26
N ASP A 214 13.03 9.19 11.44
CA ASP A 214 14.23 8.58 12.08
C ASP A 214 13.91 7.19 12.66
N TYR A 215 12.69 6.97 13.12
CA TYR A 215 12.31 5.74 13.83
C TYR A 215 11.39 4.88 12.95
N ALA A 216 11.64 3.58 12.95
CA ALA A 216 10.75 2.59 12.30
C ALA A 216 9.50 2.44 13.17
N LEU A 217 8.34 2.69 12.58
CA LEU A 217 7.01 2.61 13.23
C LEU A 217 6.25 1.48 12.52
N VAL A 218 6.05 0.34 13.19
CA VAL A 218 5.36 -0.83 12.58
C VAL A 218 4.01 -0.99 13.27
N ASN A 219 2.91 -0.86 12.52
CA ASN A 219 1.53 -0.90 13.09
C ASN A 219 1.45 0.07 14.27
N GLY A 220 2.10 1.24 14.17
CA GLY A 220 2.04 2.28 15.21
C GLY A 220 2.85 1.94 16.46
N THR A 221 3.74 0.95 16.41
CA THR A 221 4.61 0.58 17.55
C THR A 221 6.08 0.63 17.13
N VAL A 222 6.91 0.97 18.11
CA VAL A 222 8.38 1.07 17.98
C VAL A 222 8.95 -0.21 18.63
N ASN A 223 10.07 -0.73 18.12
CA ASN A 223 10.75 -1.94 18.66
C ASN A 223 9.79 -3.11 18.79
N PRO A 224 9.09 -3.52 17.70
CA PRO A 224 8.08 -4.58 17.78
C PRO A 224 8.65 -5.99 17.93
N VAL A 225 7.93 -6.81 18.69
CA VAL A 225 8.22 -8.25 18.90
C VAL A 225 7.00 -9.07 18.48
N VAL A 226 7.25 -10.17 17.78
CA VAL A 226 6.22 -11.20 17.49
C VAL A 226 6.65 -12.49 18.20
N ASN A 227 5.78 -13.01 19.07
CA ASN A 227 6.01 -14.32 19.72
C ASN A 227 5.50 -15.41 18.78
N VAL A 228 6.41 -16.24 18.27
CA VAL A 228 6.08 -17.30 17.29
C VAL A 228 5.61 -18.53 18.06
N THR A 229 4.28 -18.70 18.11
CA THR A 229 3.58 -19.84 18.77
C THR A 229 3.44 -20.99 17.79
N LYS A 230 3.11 -20.67 16.54
CA LYS A 230 3.00 -21.65 15.42
C LYS A 230 4.08 -21.33 14.41
N PRO A 231 4.73 -22.35 13.82
CA PRO A 231 5.92 -22.10 12.99
C PRO A 231 5.62 -21.45 11.64
N ILE A 232 4.48 -21.76 11.02
CA ILE A 232 4.12 -21.15 9.70
C ILE A 232 3.31 -19.88 9.97
N ILE A 233 3.84 -18.75 9.51
CA ILE A 233 3.29 -17.40 9.81
C ILE A 233 3.11 -16.63 8.51
N ARG A 234 1.98 -15.94 8.42
CA ARG A 234 1.65 -15.04 7.29
C ARG A 234 1.94 -13.60 7.71
N LEU A 235 2.72 -12.89 6.89
CA LEU A 235 3.04 -11.46 7.09
C LEU A 235 2.53 -10.68 5.90
N ARG A 236 1.60 -9.76 6.13
CA ARG A 236 1.02 -8.93 5.06
C ARG A 236 1.73 -7.57 5.08
N PHE A 237 2.85 -7.48 4.37
CA PHE A 237 3.68 -6.24 4.34
C PHE A 237 2.97 -5.17 3.51
N LEU A 238 2.98 -3.95 4.03
CA LEU A 238 2.53 -2.73 3.31
C LEU A 238 3.60 -1.66 3.54
N ASN A 239 4.14 -1.09 2.48
CA ASN A 239 4.96 0.14 2.61
C ASN A 239 4.01 1.32 2.78
N GLY A 240 3.76 1.71 4.03
CA GLY A 240 2.90 2.85 4.38
C GLY A 240 3.69 4.14 4.59
N SER A 241 4.93 4.21 4.12
CA SER A 241 5.81 5.40 4.31
C SER A 241 5.45 6.51 3.33
N ASN A 242 5.86 7.73 3.65
CA ASN A 242 5.72 8.92 2.78
C ASN A 242 6.67 8.76 1.57
N ARG A 243 7.88 8.24 1.80
CA ARG A 243 8.90 8.09 0.72
C ARG A 243 9.78 6.84 0.90
N ARG A 244 10.10 6.46 2.14
CA ARG A 244 11.16 5.47 2.41
C ARG A 244 10.86 4.13 1.71
N GLU A 245 11.92 3.52 1.19
CA GLU A 245 11.91 2.15 0.62
C GLU A 245 12.27 1.18 1.74
N TRP A 246 11.68 -0.01 1.72
CA TRP A 246 12.01 -1.08 2.68
C TRP A 246 12.66 -2.25 1.93
N ARG A 247 13.84 -2.64 2.39
CA ARG A 247 14.64 -3.74 1.82
C ARG A 247 14.68 -4.86 2.85
N LEU A 248 13.65 -5.71 2.84
CA LEU A 248 13.34 -6.63 3.95
C LEU A 248 14.06 -7.96 3.76
N HIS A 249 14.70 -8.43 4.82
CA HIS A 249 15.33 -9.76 4.90
C HIS A 249 15.60 -10.10 6.35
N PHE A 250 15.55 -11.37 6.69
CA PHE A 250 15.98 -11.85 8.02
C PHE A 250 17.50 -11.73 8.10
N ALA A 251 18.03 -11.48 9.29
CA ALA A 251 19.48 -11.21 9.53
C ALA A 251 20.34 -12.38 9.03
N ASP A 252 19.79 -13.60 9.01
CA ASP A 252 20.49 -14.82 8.51
C ASP A 252 20.01 -15.20 7.10
N TYR A 253 19.28 -14.30 6.44
CA TYR A 253 18.69 -14.49 5.09
C TYR A 253 17.90 -15.81 5.01
N HIS A 254 17.17 -16.13 6.07
CA HIS A 254 16.18 -17.24 6.08
C HIS A 254 15.22 -17.03 4.91
N PRO A 255 14.94 -18.06 4.08
CA PRO A 255 14.05 -17.87 2.94
C PRO A 255 12.60 -17.63 3.37
N PHE A 256 11.82 -16.98 2.52
CA PHE A 256 10.36 -16.86 2.70
C PHE A 256 9.69 -16.91 1.33
N THR A 257 8.38 -17.07 1.34
CA THR A 257 7.58 -17.33 0.13
C THR A 257 6.56 -16.21 -0.04
N GLN A 258 6.68 -15.45 -1.12
CA GLN A 258 5.65 -14.44 -1.46
C GLN A 258 4.49 -15.17 -2.14
N ILE A 259 3.29 -15.00 -1.60
CA ILE A 259 2.05 -15.64 -2.14
C ILE A 259 1.15 -14.59 -2.78
N GLY A 260 1.38 -13.30 -2.54
CA GLY A 260 0.47 -12.26 -3.04
C GLY A 260 1.14 -10.92 -3.28
N SER A 261 0.57 -10.17 -4.22
CA SER A 261 0.95 -8.78 -4.58
C SER A 261 -0.22 -7.86 -4.24
N ASP A 262 -0.11 -6.58 -4.63
CA ASP A 262 -1.14 -5.53 -4.36
C ASP A 262 -2.56 -6.06 -4.55
N GLY A 263 -2.83 -6.63 -5.73
CA GLY A 263 -4.20 -6.95 -6.18
C GLY A 263 -4.63 -8.38 -5.93
N GLY A 264 -3.79 -9.20 -5.31
CA GLY A 264 -4.21 -10.52 -4.82
C GLY A 264 -3.15 -11.60 -4.91
N LEU A 265 -3.60 -12.85 -4.78
CA LEU A 265 -2.73 -14.05 -4.86
C LEU A 265 -1.99 -14.03 -6.21
N LEU A 266 -0.69 -14.35 -6.18
CA LEU A 266 0.13 -14.57 -7.38
C LEU A 266 -0.33 -15.85 -8.07
N PRO A 267 -0.03 -16.03 -9.38
CA PRO A 267 -0.35 -17.29 -10.06
C PRO A 267 0.48 -18.45 -9.50
N GLU A 268 1.74 -18.18 -9.15
CA GLU A 268 2.65 -19.14 -8.49
C GLU A 268 3.31 -18.48 -7.29
N ALA A 269 3.47 -19.23 -6.20
CA ALA A 269 4.29 -18.80 -5.05
C ALA A 269 5.72 -18.55 -5.54
N VAL A 270 6.39 -17.57 -4.96
CA VAL A 270 7.77 -17.17 -5.34
C VAL A 270 8.62 -17.24 -4.08
N GLU A 271 9.66 -18.07 -4.08
CA GLU A 271 10.57 -18.15 -2.93
C GLU A 271 11.70 -17.11 -3.11
N MET A 272 12.10 -16.51 -2.01
CA MET A 272 13.08 -15.40 -2.00
C MET A 272 13.70 -15.31 -0.60
N ASP A 273 14.85 -14.65 -0.48
CA ASP A 273 15.48 -14.42 0.85
C ASP A 273 15.56 -12.91 1.13
N ARG A 274 15.05 -12.08 0.24
CA ARG A 274 14.93 -10.62 0.49
C ARG A 274 13.91 -10.04 -0.48
N ILE A 275 13.31 -8.91 -0.09
CA ILE A 275 12.29 -8.23 -0.92
C ILE A 275 12.33 -6.73 -0.67
N MET A 276 12.20 -5.96 -1.75
CA MET A 276 12.16 -4.48 -1.69
C MET A 276 10.76 -3.99 -2.06
N LEU A 277 10.25 -3.04 -1.28
CA LEU A 277 8.90 -2.47 -1.45
C LEU A 277 9.02 -0.95 -1.55
N THR A 278 8.53 -0.37 -2.65
CA THR A 278 8.37 1.09 -2.79
C THR A 278 7.01 1.48 -2.21
N CYS A 279 6.76 2.78 -2.08
CA CYS A 279 5.57 3.32 -1.37
C CYS A 279 4.28 2.70 -1.93
N ALA A 280 3.43 2.20 -1.03
CA ALA A 280 2.06 1.68 -1.28
C ALA A 280 2.07 0.25 -1.83
N GLU A 281 3.24 -0.33 -2.12
CA GLU A 281 3.34 -1.74 -2.57
C GLU A 281 3.04 -2.65 -1.38
N ARG A 282 2.36 -3.76 -1.65
CA ARG A 282 2.11 -4.82 -0.64
C ARG A 282 2.76 -6.11 -1.10
N ALA A 283 3.23 -6.89 -0.13
CA ALA A 283 3.73 -8.26 -0.36
C ALA A 283 3.21 -9.16 0.75
N ASP A 284 2.38 -10.12 0.36
CA ASP A 284 1.81 -11.15 1.26
C ASP A 284 2.80 -12.31 1.27
N VAL A 285 3.46 -12.59 2.40
CA VAL A 285 4.50 -13.65 2.45
C VAL A 285 4.20 -14.66 3.57
N LEU A 286 4.63 -15.90 3.34
CA LEU A 286 4.64 -16.97 4.36
C LEU A 286 6.08 -17.21 4.78
N VAL A 287 6.28 -17.42 6.07
CA VAL A 287 7.60 -17.79 6.67
C VAL A 287 7.39 -19.06 7.49
N ASN A 288 8.25 -20.05 7.28
CA ASN A 288 8.27 -21.30 8.07
C ASN A 288 9.45 -21.21 9.05
N PHE A 289 9.16 -21.03 10.34
CA PHE A 289 10.18 -20.93 11.42
C PHE A 289 10.56 -22.30 11.99
N SER A 290 10.14 -23.40 11.35
CA SER A 290 10.26 -24.79 11.88
C SER A 290 11.73 -25.17 12.14
N ASP A 291 12.67 -24.65 11.35
CA ASP A 291 14.12 -25.01 11.44
C ASP A 291 14.83 -24.22 12.55
N TYR A 292 14.12 -23.38 13.32
CA TYR A 292 14.70 -22.72 14.53
C TYR A 292 14.34 -23.52 15.78
N GLN A 293 15.15 -23.35 16.82
CA GLN A 293 14.97 -24.00 18.14
C GLN A 293 14.05 -23.15 19.02
N PRO A 294 13.28 -23.79 19.93
CA PRO A 294 12.30 -23.11 20.78
C PRO A 294 12.76 -22.01 21.76
N GLY A 295 14.03 -21.59 21.74
CA GLY A 295 14.49 -20.44 22.54
C GLY A 295 15.05 -19.30 21.70
N GLN A 296 15.25 -19.51 20.39
CA GLN A 296 16.02 -18.58 19.54
C GLN A 296 15.20 -17.33 19.22
N GLU A 297 15.91 -16.28 18.81
CA GLU A 297 15.33 -15.01 18.33
C GLU A 297 15.80 -14.78 16.90
N VAL A 298 14.85 -14.49 16.01
CA VAL A 298 15.11 -14.26 14.57
C VAL A 298 14.72 -12.82 14.27
N ILE A 299 15.66 -12.01 13.79
CA ILE A 299 15.42 -10.57 13.55
C ILE A 299 15.17 -10.33 12.06
N LEU A 300 13.99 -9.82 11.73
CA LEU A 300 13.72 -9.26 10.39
C LEU A 300 14.36 -7.88 10.33
N GLN A 301 15.13 -7.61 9.27
CA GLN A 301 15.83 -6.33 9.08
C GLN A 301 15.28 -5.61 7.86
N THR A 302 15.50 -4.29 7.80
CA THR A 302 15.52 -3.51 6.54
C THR A 302 16.93 -2.96 6.38
N ASP A 303 17.56 -3.22 5.23
CA ASP A 303 19.02 -2.96 5.05
C ASP A 303 19.75 -3.59 6.26
N ASP A 304 20.54 -2.80 7.00
CA ASP A 304 21.30 -3.34 8.16
C ASP A 304 20.63 -2.92 9.47
N PHE A 305 19.32 -2.66 9.45
CA PHE A 305 18.57 -2.12 10.61
C PHE A 305 17.59 -3.17 11.14
N ASN A 306 17.68 -3.46 12.44
CA ASN A 306 16.79 -4.44 13.13
C ASN A 306 15.37 -3.87 13.20
N LEU A 307 14.40 -4.54 12.61
CA LEU A 307 13.02 -4.00 12.40
C LEU A 307 12.01 -4.74 13.27
N ILE A 308 11.93 -6.06 13.14
CA ILE A 308 11.00 -6.90 13.96
C ILE A 308 11.78 -8.08 14.52
N LYS A 309 11.64 -8.30 15.82
CA LYS A 309 12.21 -9.49 16.50
C LYS A 309 11.14 -10.57 16.58
N PHE A 310 11.43 -11.74 16.02
CA PHE A 310 10.57 -12.94 16.14
C PHE A 310 11.17 -13.86 17.21
N LYS A 311 10.44 -14.07 18.30
CA LYS A 311 10.88 -14.95 19.40
C LYS A 311 10.22 -16.31 19.23
N ILE A 312 11.02 -17.34 19.01
CA ILE A 312 10.53 -18.71 18.70
C ILE A 312 10.11 -19.37 20.01
N GLY A 313 8.82 -19.68 20.15
CA GLY A 313 8.26 -20.36 21.32
C GLY A 313 8.37 -21.87 21.21
N ASP A 314 7.55 -22.60 21.97
CA ASP A 314 7.55 -24.10 21.98
C ASP A 314 6.82 -24.60 20.73
N ILE A 315 7.41 -24.35 19.56
CA ILE A 315 6.80 -24.67 18.24
C ILE A 315 6.97 -26.16 17.95
N LYS A 316 5.97 -26.74 17.29
CA LYS A 316 6.05 -28.12 16.75
C LYS A 316 6.27 -28.01 15.23
N LYS A 317 7.34 -28.64 14.76
CA LYS A 317 7.84 -28.48 13.37
C LYS A 317 6.77 -28.92 12.39
N GLU A 318 6.75 -28.28 11.22
CA GLU A 318 5.63 -28.41 10.27
C GLU A 318 6.13 -28.09 8.87
N ASN A 319 5.61 -28.83 7.89
CA ASN A 319 5.98 -28.66 6.47
C ASN A 319 5.03 -27.64 5.85
N MET A 320 5.56 -26.76 5.01
CA MET A 320 4.78 -25.73 4.30
C MET A 320 4.70 -26.11 2.83
N LEU A 321 3.54 -26.61 2.41
CA LEU A 321 3.30 -27.03 1.00
C LEU A 321 2.12 -26.24 0.45
N LEU A 322 2.38 -25.45 -0.59
CA LEU A 322 1.35 -24.68 -1.32
C LEU A 322 1.02 -25.41 -2.62
N PRO A 323 -0.18 -25.18 -3.19
CA PRO A 323 -0.52 -25.76 -4.48
C PRO A 323 0.19 -25.03 -5.62
N SER A 324 0.36 -25.71 -6.75
CA SER A 324 0.81 -25.14 -8.04
C SER A 324 -0.16 -25.59 -9.12
N PRO A 325 -0.90 -24.68 -9.79
CA PRO A 325 -0.82 -23.24 -9.58
C PRO A 325 -1.45 -22.76 -8.25
N LEU A 326 -1.03 -21.58 -7.79
CA LEU A 326 -1.50 -20.99 -6.52
C LEU A 326 -2.87 -20.34 -6.74
N ALA A 327 -3.04 -19.65 -7.88
CA ALA A 327 -4.30 -18.99 -8.25
C ALA A 327 -4.33 -18.77 -9.76
N GLU A 328 -5.52 -18.63 -10.32
CA GLU A 328 -5.68 -18.36 -11.77
C GLU A 328 -5.86 -16.86 -11.95
N ILE A 329 -5.02 -16.27 -12.80
CA ILE A 329 -5.14 -14.83 -13.15
C ILE A 329 -5.57 -14.76 -14.60
N PRO A 330 -6.79 -14.24 -14.88
CA PRO A 330 -7.28 -14.17 -16.25
C PRO A 330 -6.44 -13.16 -17.03
N ALA A 331 -5.84 -13.60 -18.13
CA ALA A 331 -4.98 -12.74 -18.97
C ALA A 331 -5.87 -11.71 -19.66
N LEU A 332 -5.42 -10.46 -19.67
CA LEU A 332 -6.09 -9.38 -20.44
C LEU A 332 -5.57 -9.46 -21.87
N SER A 333 -6.45 -9.73 -22.82
CA SER A 333 -6.10 -10.00 -24.23
C SER A 333 -5.69 -8.68 -24.90
N VAL A 334 -4.55 -8.69 -25.57
CA VAL A 334 -3.94 -7.48 -26.20
C VAL A 334 -3.48 -7.84 -27.61
N ASP A 335 -3.67 -6.91 -28.55
CA ASP A 335 -3.29 -7.09 -29.98
C ASP A 335 -2.59 -5.81 -30.46
N GLU A 336 -2.38 -5.69 -31.77
CA GLU A 336 -1.67 -4.53 -32.39
C GLU A 336 -2.58 -3.29 -32.37
N ASN A 337 -3.90 -3.48 -32.29
CA ASN A 337 -4.90 -2.38 -32.34
C ASN A 337 -5.33 -1.95 -30.92
N THR A 338 -4.81 -2.57 -29.87
CA THR A 338 -5.06 -2.14 -28.47
C THR A 338 -4.52 -0.72 -28.31
N PRO A 339 -5.36 0.25 -27.85
CA PRO A 339 -4.90 1.64 -27.72
C PRO A 339 -3.78 1.75 -26.68
N VAL A 340 -2.81 2.61 -26.97
CA VAL A 340 -1.58 2.81 -26.15
C VAL A 340 -1.61 4.23 -25.60
N PHE A 341 -1.51 4.36 -24.29
CA PHE A 341 -1.42 5.65 -23.57
C PHE A 341 -0.03 5.78 -22.97
N LYS A 342 0.67 6.86 -23.28
CA LYS A 342 2.05 7.11 -22.80
C LYS A 342 2.00 8.18 -21.73
N THR A 343 2.54 7.87 -20.54
CA THR A 343 2.60 8.81 -19.41
C THR A 343 4.02 8.86 -18.87
N VAL A 344 4.52 10.06 -18.63
CA VAL A 344 5.96 10.31 -18.36
C VAL A 344 6.10 11.03 -17.02
N MET A 345 6.81 10.39 -16.10
CA MET A 345 7.20 10.98 -14.80
C MET A 345 8.59 11.60 -14.99
N SER A 346 8.74 12.87 -14.64
CA SER A 346 9.99 13.62 -14.81
C SER A 346 10.30 14.46 -13.58
N GLY A 347 11.57 14.78 -13.40
CA GLY A 347 12.04 15.71 -12.37
C GLY A 347 12.07 15.08 -10.99
N MET A 348 12.58 15.86 -10.04
CA MET A 348 12.64 15.50 -8.60
C MET A 348 12.36 16.77 -7.80
N ASP A 349 12.21 16.62 -6.49
CA ASP A 349 12.01 17.77 -5.57
C ASP A 349 10.77 18.55 -6.03
N ASP A 350 10.86 19.88 -6.08
CA ASP A 350 9.73 20.78 -6.46
C ASP A 350 9.45 20.72 -7.96
N GLN A 351 10.35 20.13 -8.76
CA GLN A 351 10.24 20.12 -10.25
C GLN A 351 9.60 18.82 -10.77
N VAL A 352 9.00 18.00 -9.91
CA VAL A 352 8.27 16.77 -10.36
C VAL A 352 7.11 17.17 -11.26
N ARG A 353 6.94 16.45 -12.36
CA ARG A 353 5.82 16.68 -13.31
C ARG A 353 5.35 15.33 -13.86
N LEU A 354 4.05 15.25 -14.15
CA LEU A 354 3.42 14.09 -14.84
C LEU A 354 2.99 14.59 -16.23
N ASP A 355 3.65 14.09 -17.28
CA ASP A 355 3.44 14.56 -18.69
C ASP A 355 3.62 16.08 -18.74
N GLY A 356 4.62 16.60 -18.04
CA GLY A 356 5.02 18.03 -18.08
C GLY A 356 4.11 18.94 -17.25
N LYS A 357 3.15 18.39 -16.51
CA LYS A 357 2.10 19.21 -15.85
C LYS A 357 2.03 18.93 -14.35
N LEU A 358 1.44 19.87 -13.62
CA LEU A 358 1.02 19.69 -12.21
C LEU A 358 -0.49 19.48 -12.19
N PHE A 359 -0.95 18.72 -11.20
CA PHE A 359 -2.36 18.34 -10.98
C PHE A 359 -3.26 19.59 -10.97
N ASP A 360 -4.37 19.49 -11.69
CA ASP A 360 -5.48 20.48 -11.68
C ASP A 360 -6.79 19.71 -11.47
N MET A 361 -7.55 20.05 -10.43
CA MET A 361 -8.79 19.33 -10.04
C MET A 361 -9.84 19.40 -11.17
N GLN A 362 -9.84 20.47 -11.96
CA GLN A 362 -10.85 20.71 -13.02
C GLN A 362 -10.41 20.14 -14.38
N ARG A 363 -9.15 19.70 -14.51
CA ARG A 363 -8.59 19.22 -15.81
C ARG A 363 -8.63 17.70 -15.88
N ILE A 364 -9.28 17.16 -16.91
CA ILE A 364 -9.20 15.71 -17.24
C ILE A 364 -8.10 15.52 -18.28
N ASP A 365 -7.09 14.71 -17.94
CA ASP A 365 -5.83 14.60 -18.71
C ASP A 365 -5.95 13.52 -19.77
N THR A 366 -6.74 12.47 -19.52
CA THR A 366 -6.97 11.40 -20.52
C THR A 366 -8.37 10.82 -20.34
N ARG A 367 -8.91 10.24 -21.41
CA ARG A 367 -10.25 9.63 -21.44
C ARG A 367 -10.15 8.25 -22.06
N GLN A 368 -10.55 7.22 -21.32
CA GLN A 368 -10.46 5.83 -21.82
C GLN A 368 -11.78 5.10 -21.56
N GLN A 369 -12.13 4.21 -22.49
CA GLN A 369 -13.46 3.57 -22.54
C GLN A 369 -13.52 2.44 -21.52
N VAL A 370 -14.65 2.34 -20.83
CA VAL A 370 -14.91 1.27 -19.82
C VAL A 370 -14.90 -0.08 -20.54
N ASP A 371 -14.35 -1.10 -19.87
CA ASP A 371 -14.36 -2.53 -20.30
C ASP A 371 -13.56 -2.76 -21.59
N GLN A 372 -12.79 -1.78 -22.06
CA GLN A 372 -11.86 -1.95 -23.21
C GLN A 372 -10.44 -1.98 -22.65
N THR A 373 -9.69 -3.06 -22.91
CA THR A 373 -8.32 -3.21 -22.39
C THR A 373 -7.43 -2.15 -23.04
N GLN A 374 -6.58 -1.53 -22.23
CA GLN A 374 -5.68 -0.43 -22.62
C GLN A 374 -4.25 -0.84 -22.30
N ILE A 375 -3.30 -0.45 -23.15
CA ILE A 375 -1.86 -0.50 -22.80
C ILE A 375 -1.46 0.88 -22.30
N TRP A 376 -0.74 0.93 -21.19
CA TRP A 376 -0.08 2.16 -20.69
C TRP A 376 1.43 1.94 -20.78
N GLU A 377 2.15 2.95 -21.23
CA GLU A 377 3.62 2.99 -21.17
C GLU A 377 4.01 4.07 -20.15
N VAL A 378 4.57 3.63 -19.03
CA VAL A 378 4.86 4.51 -17.87
C VAL A 378 6.38 4.70 -17.79
N SER A 379 6.83 5.93 -18.00
CA SER A 379 8.28 6.26 -18.06
C SER A 379 8.72 7.09 -16.86
N ASN A 380 9.97 6.89 -16.47
CA ASN A 380 10.70 7.75 -15.51
C ASN A 380 11.93 8.28 -16.23
N THR A 381 11.96 9.58 -16.51
CA THR A 381 13.05 10.23 -17.29
C THR A 381 14.18 10.71 -16.38
N ASN A 382 14.15 10.39 -15.09
CA ASN A 382 15.26 10.71 -14.17
C ASN A 382 16.54 10.04 -14.69
N ASP A 383 17.67 10.68 -14.44
CA ASP A 383 19.01 10.15 -14.81
C ASP A 383 19.32 8.94 -13.93
N MET A 384 19.93 7.91 -14.50
CA MET A 384 20.32 6.69 -13.74
C MET A 384 21.29 7.07 -12.62
N GLU A 385 22.04 8.15 -12.79
CA GLU A 385 22.93 8.73 -11.74
C GLU A 385 22.24 9.93 -11.09
N GLY A 386 21.99 9.85 -9.78
CA GLY A 386 21.26 10.88 -9.02
C GLY A 386 19.75 10.70 -9.08
N GLY A 387 19.28 9.69 -9.82
CA GLY A 387 17.85 9.47 -10.05
C GLY A 387 17.18 8.75 -8.91
N MET A 388 15.91 8.49 -9.10
CA MET A 388 14.94 8.17 -8.03
C MET A 388 13.95 7.14 -8.58
N ILE A 389 13.58 6.15 -7.78
CA ILE A 389 12.49 5.20 -8.14
C ILE A 389 11.17 5.84 -7.73
N HIS A 390 10.29 6.13 -8.70
CA HIS A 390 8.95 6.70 -8.46
C HIS A 390 7.93 5.56 -8.46
N PRO A 391 7.22 5.33 -7.33
CA PRO A 391 6.14 4.35 -7.30
C PRO A 391 4.87 4.89 -7.95
N PHE A 392 4.56 4.39 -9.13
CA PHE A 392 3.42 4.85 -9.96
C PHE A 392 2.17 4.06 -9.60
N HIS A 393 1.06 4.76 -9.34
CA HIS A 393 -0.22 4.16 -8.87
C HIS A 393 -1.40 4.67 -9.70
N ILE A 394 -2.32 3.77 -10.04
CA ILE A 394 -3.60 4.11 -10.73
C ILE A 394 -4.76 3.74 -9.81
N HIS A 395 -5.70 4.67 -9.64
CA HIS A 395 -6.95 4.44 -8.88
C HIS A 395 -7.92 3.58 -9.68
N GLY A 396 -8.84 2.91 -8.98
CA GLY A 396 -10.06 2.31 -9.56
C GLY A 396 -9.78 1.11 -10.44
N CYS A 397 -8.67 0.41 -10.20
CA CYS A 397 -8.29 -0.76 -11.04
C CYS A 397 -7.19 -1.59 -10.39
N GLN A 398 -7.01 -2.79 -10.91
CA GLN A 398 -5.75 -3.55 -10.80
C GLN A 398 -5.28 -3.77 -12.23
N PHE A 399 -3.97 -3.82 -12.45
CA PHE A 399 -3.41 -4.02 -13.81
C PHE A 399 -2.40 -5.16 -13.79
N GLN A 400 -1.99 -5.55 -15.00
CA GLN A 400 -0.97 -6.59 -15.22
C GLN A 400 0.20 -5.94 -15.98
N LEU A 401 1.42 -6.34 -15.64
CA LEU A 401 2.63 -5.83 -16.34
C LEU A 401 2.85 -6.65 -17.60
N ILE A 402 3.31 -5.99 -18.66
CA ILE A 402 3.73 -6.65 -19.93
C ILE A 402 5.24 -6.80 -19.91
N ASP A 403 5.97 -5.69 -19.71
CA ASP A 403 7.45 -5.73 -19.74
C ASP A 403 8.04 -4.52 -19.01
N ARG A 404 9.32 -4.67 -18.65
CA ARG A 404 10.17 -3.59 -18.09
C ARG A 404 11.29 -3.32 -19.08
N ASN A 405 11.25 -2.18 -19.75
CA ASN A 405 12.25 -1.77 -20.78
C ASN A 405 12.35 -2.84 -21.88
N GLY A 406 11.22 -3.43 -22.26
CA GLY A 406 11.17 -4.49 -23.30
C GLY A 406 11.75 -5.82 -22.83
N HIS A 407 12.11 -5.96 -21.56
CA HIS A 407 12.68 -7.20 -20.98
C HIS A 407 11.64 -7.86 -20.08
N ALA A 408 11.95 -9.08 -19.63
CA ALA A 408 11.06 -9.85 -18.73
C ALA A 408 10.80 -9.06 -17.46
N VAL A 409 9.59 -9.21 -16.95
CA VAL A 409 9.12 -8.46 -15.76
C VAL A 409 9.67 -9.18 -14.52
N ASN A 410 9.59 -8.57 -13.34
CA ASN A 410 10.15 -9.17 -12.10
C ASN A 410 9.36 -10.42 -11.74
N PRO A 411 10.01 -11.44 -11.15
CA PRO A 411 9.37 -12.73 -10.86
C PRO A 411 8.16 -12.66 -9.93
N ASN A 412 8.00 -11.57 -9.17
CA ASN A 412 6.82 -11.35 -8.30
C ASN A 412 5.82 -10.36 -8.95
N GLU A 413 5.93 -10.10 -10.25
CA GLU A 413 5.05 -9.13 -10.96
C GLU A 413 4.20 -9.81 -12.05
N HIS A 414 3.87 -11.09 -11.91
CA HIS A 414 3.01 -11.81 -12.89
C HIS A 414 1.54 -11.84 -12.45
N GLY A 415 1.19 -11.11 -11.39
CA GLY A 415 -0.20 -11.08 -10.89
C GLY A 415 -0.82 -9.70 -11.03
N TRP A 416 -1.75 -9.38 -10.14
CA TRP A 416 -2.46 -8.08 -10.12
C TRP A 416 -1.63 -7.06 -9.34
N LYS A 417 -1.40 -5.91 -9.94
CA LYS A 417 -0.70 -4.78 -9.27
C LYS A 417 -1.52 -3.50 -9.43
N ASP A 418 -1.41 -2.61 -8.45
CA ASP A 418 -1.96 -1.23 -8.58
C ASP A 418 -0.86 -0.18 -8.38
N THR A 419 0.34 -0.59 -7.95
CA THR A 419 1.48 0.32 -7.73
C THR A 419 2.77 -0.35 -8.20
N ILE A 420 3.55 0.32 -9.04
CA ILE A 420 4.84 -0.22 -9.56
C ILE A 420 5.94 0.83 -9.38
N GLY A 421 7.08 0.39 -8.86
CA GLY A 421 8.31 1.19 -8.86
C GLY A 421 8.83 1.34 -10.28
N VAL A 422 8.98 2.58 -10.75
CA VAL A 422 9.54 2.88 -12.09
C VAL A 422 10.96 3.42 -11.89
N ASN A 423 11.95 2.66 -12.34
CA ASN A 423 13.38 2.99 -12.20
C ASN A 423 13.74 4.15 -13.11
N PRO A 424 14.80 4.94 -12.78
CA PRO A 424 15.28 5.97 -13.69
C PRO A 424 15.61 5.38 -15.07
N ASN A 425 15.19 6.07 -16.13
CA ASN A 425 15.43 5.71 -17.54
C ASN A 425 14.65 4.45 -17.95
N GLU A 426 13.60 4.11 -17.21
CA GLU A 426 12.78 2.90 -17.49
C GLU A 426 11.46 3.31 -18.11
N THR A 427 10.97 2.48 -19.02
CA THR A 427 9.56 2.48 -19.47
C THR A 427 8.96 1.13 -19.08
N VAL A 428 7.94 1.18 -18.24
CA VAL A 428 7.21 -0.04 -17.85
C VAL A 428 5.92 -0.07 -18.67
N ARG A 429 5.68 -1.17 -19.33
CA ARG A 429 4.46 -1.37 -20.16
C ARG A 429 3.49 -2.23 -19.36
N ILE A 430 2.27 -1.75 -19.21
CA ILE A 430 1.20 -2.44 -18.42
C ILE A 430 -0.07 -2.49 -19.27
N ARG A 431 -0.96 -3.41 -18.92
CA ARG A 431 -2.30 -3.50 -19.56
C ARG A 431 -3.34 -3.40 -18.47
N VAL A 432 -4.41 -2.68 -18.76
CA VAL A 432 -5.46 -2.50 -17.73
C VAL A 432 -6.82 -2.41 -18.42
N LYS A 433 -7.83 -2.97 -17.75
CA LYS A 433 -9.23 -2.87 -18.18
C LYS A 433 -10.02 -2.27 -17.02
N PHE A 434 -10.38 -1.00 -17.17
CA PHE A 434 -11.18 -0.26 -16.17
C PHE A 434 -12.63 -0.74 -16.26
N THR A 435 -13.15 -1.24 -15.14
CA THR A 435 -14.51 -1.85 -15.06
C THR A 435 -15.52 -0.92 -14.39
N LYS A 436 -15.07 0.23 -13.88
CA LYS A 436 -15.94 1.19 -13.14
C LYS A 436 -15.90 2.55 -13.82
N LEU A 437 -17.05 3.16 -14.01
CA LEU A 437 -17.14 4.53 -14.58
C LEU A 437 -16.70 5.54 -13.52
N GLY A 438 -16.21 6.69 -13.96
CA GLY A 438 -15.88 7.80 -13.07
C GLY A 438 -14.59 8.50 -13.43
N ILE A 439 -14.20 9.43 -12.56
CA ILE A 439 -12.91 10.14 -12.61
C ILE A 439 -11.99 9.47 -11.59
N PHE A 440 -10.78 9.12 -12.02
CA PHE A 440 -9.78 8.42 -11.18
C PHE A 440 -8.44 9.13 -11.30
N MET A 441 -7.65 9.07 -10.23
CA MET A 441 -6.30 9.67 -10.20
C MET A 441 -5.29 8.63 -10.70
N TYR A 442 -4.21 9.11 -11.31
CA TYR A 442 -2.94 8.34 -11.41
C TYR A 442 -1.80 9.29 -11.05
N HIS A 443 -0.83 8.77 -10.31
CA HIS A 443 0.21 9.63 -9.69
C HIS A 443 1.36 8.80 -9.13
N CYS A 444 2.42 9.53 -8.79
CA CYS A 444 3.51 9.02 -7.94
C CYS A 444 2.98 8.86 -6.51
N HIS A 445 3.33 7.77 -5.83
CA HIS A 445 2.87 7.52 -4.45
C HIS A 445 3.93 7.91 -3.42
N ILE A 446 5.00 8.60 -3.82
CA ILE A 446 5.78 9.42 -2.85
C ILE A 446 4.89 10.61 -2.53
N LEU A 447 4.36 10.65 -1.29
CA LEU A 447 3.20 11.52 -0.95
C LEU A 447 3.54 13.00 -1.14
N GLU A 448 4.79 13.41 -0.93
CA GLU A 448 5.21 14.83 -1.12
C GLU A 448 5.21 15.18 -2.63
N HIS A 449 5.57 14.23 -3.49
CA HIS A 449 5.49 14.39 -4.97
C HIS A 449 4.04 14.53 -5.40
N GLU A 450 3.17 13.66 -4.87
CA GLU A 450 1.70 13.71 -5.11
C GLU A 450 1.18 15.09 -4.72
N ASP A 451 1.52 15.57 -3.53
CA ASP A 451 1.03 16.87 -2.97
C ASP A 451 1.57 18.05 -3.79
N THR A 452 2.81 17.97 -4.30
CA THR A 452 3.37 19.01 -5.19
C THR A 452 2.53 19.09 -6.46
N GLY A 453 1.99 17.94 -6.92
CA GLY A 453 1.09 17.87 -8.08
C GLY A 453 1.52 16.85 -9.13
N MET A 454 2.39 15.90 -8.78
CA MET A 454 2.78 14.80 -9.70
C MET A 454 1.62 13.81 -9.79
N MET A 455 0.51 14.25 -10.36
CA MET A 455 -0.79 13.54 -10.34
C MET A 455 -1.66 14.06 -11.47
N ALA A 456 -2.47 13.19 -12.04
CA ALA A 456 -3.36 13.51 -13.18
C ALA A 456 -4.69 12.79 -13.00
N GLN A 457 -5.67 13.15 -13.84
CA GLN A 457 -7.04 12.59 -13.77
C GLN A 457 -7.37 11.87 -15.08
N ILE A 458 -8.05 10.73 -14.94
CA ILE A 458 -8.56 9.95 -16.10
C ILE A 458 -10.08 9.81 -15.94
N GLU A 459 -10.81 10.05 -17.02
CA GLU A 459 -12.26 9.76 -17.09
C GLU A 459 -12.44 8.39 -17.75
N ILE A 460 -13.03 7.44 -17.04
CA ILE A 460 -13.50 6.16 -17.63
C ILE A 460 -14.96 6.38 -18.04
N PHE A 461 -15.24 6.26 -19.33
CA PHE A 461 -16.55 6.65 -19.91
C PHE A 461 -17.19 5.46 -20.63
N ASP A 462 -18.52 5.47 -20.65
CA ASP A 462 -19.37 4.59 -21.47
C ASP A 462 -19.97 5.45 -22.59
N PRO A 463 -19.67 5.18 -23.88
CA PRO A 463 -20.19 6.04 -24.95
C PRO A 463 -21.72 6.02 -25.11
N ASP A 464 -22.40 5.02 -24.53
CA ASP A 464 -23.88 4.88 -24.61
C ASP A 464 -24.54 5.21 -23.27
N HIS A 465 -23.77 5.56 -22.25
CA HIS A 465 -24.27 6.06 -20.94
C HIS A 465 -23.38 7.21 -20.49
N PRO A 466 -23.41 8.39 -21.18
CA PRO A 466 -22.51 9.48 -20.82
C PRO A 466 -22.86 10.12 -19.47
N ILE A 467 -21.86 10.72 -18.84
CA ILE A 467 -22.01 11.47 -17.55
C ILE A 467 -21.32 12.82 -17.71
N GLU A 468 -21.97 13.85 -17.15
CA GLU A 468 -21.38 15.20 -17.00
C GLU A 468 -20.84 15.31 -15.58
N TYR A 469 -19.55 15.58 -15.44
CA TYR A 469 -18.90 15.75 -14.11
C TYR A 469 -18.73 17.23 -13.80
N HIS A 470 -19.00 17.58 -12.55
CA HIS A 470 -18.97 18.97 -12.05
C HIS A 470 -17.84 19.08 -11.03
N LEU A 471 -16.65 19.42 -11.52
CA LEU A 471 -15.38 19.39 -10.75
C LEU A 471 -15.05 20.82 -10.30
N MET A 472 -14.70 20.99 -9.03
CA MET A 472 -14.48 22.32 -8.40
C MET A 472 -12.98 22.53 -8.19
#